data_3FAY
#
_entry.id   3FAY
#
_cell.length_a   170.133
_cell.length_b   42.115
_cell.length_c   59.382
_cell.angle_alpha   90.00
_cell.angle_beta   90.00
_cell.angle_gamma   90.00
#
_symmetry.space_group_name_H-M   'P 21 21 2'
#
loop_
_entity.id
_entity.type
_entity.pdbx_description
1 polymer 'Ras GTPase-activating-like protein IQGAP1'
2 non-polymer 2-AMINO-2-HYDROXYMETHYL-PROPANE-1,3-DIOL
3 water water
#
_entity_poly.entity_id   1
_entity_poly.type   'polypeptide(L)'
_entity_poly.pdbx_seq_one_letter_code
;SNASKEKREKLEAYQHLFYLLQTNPTYLAKLIFQ(MSE)PQNKSTKF(MSE)DSVIFTLYNYASNQREEYLLLRLFKTAL
QEEIKSKVDQIQEIVTGNPTVIK(MSE)VVSFNRGARGQNALRQILAPVVKEI(MSE)DDKSLNIKTDPVDIYKSWVNQ
(MSE)ESQTGEASKLPYDVTPEQALAHEEVKTRLDSSIRN(MSE)RAVTDKFLSAIVSSVDKIPYG(MSE)RFIAKVLKD
SLHEKFPDAGEDELLKIIGNLLYYRY(MSE)NPAIVAPDAFDIIDLSAGGQLTTDQRRNLGSIAK(MSE)LQHAASNK
(MSE)FLGDNAHLSIINEYLSQSYQKFRRFFQTACDVPELQDKFNVDEYSDLVTLTKPVIYISIGEIINTHTLLLDHQDA
IAPEHNDPIHELLDDLGEVPTIESLIGESS
;
_entity_poly.pdbx_strand_id   A
#
# COMPACT_ATOMS: atom_id res chain seq x y z
N ALA A 3 47.74 3.41 -5.46
CA ALA A 3 46.92 3.78 -6.64
C ALA A 3 45.60 2.99 -6.65
N SER A 4 45.70 1.68 -6.83
CA SER A 4 44.51 0.82 -6.85
C SER A 4 44.04 0.48 -5.44
N LYS A 5 44.99 0.34 -4.51
CA LYS A 5 44.64 0.01 -3.13
C LYS A 5 43.81 1.12 -2.50
N GLU A 6 43.96 2.34 -3.01
CA GLU A 6 43.21 3.48 -2.52
C GLU A 6 41.72 3.21 -2.71
N LYS A 7 41.36 2.92 -3.95
CA LYS A 7 39.98 2.61 -4.32
C LYS A 7 39.42 1.55 -3.36
N ARG A 8 40.03 0.37 -3.38
CA ARG A 8 39.61 -0.75 -2.53
C ARG A 8 39.30 -0.38 -1.11
N GLU A 9 40.29 0.17 -0.42
CA GLU A 9 40.15 0.54 0.98
C GLU A 9 38.94 1.44 1.21
N LYS A 10 38.70 2.37 0.30
CA LYS A 10 37.57 3.27 0.46
C LYS A 10 36.27 2.52 0.28
N LEU A 11 36.22 1.61 -0.69
CA LEU A 11 35.02 0.82 -0.91
C LEU A 11 34.76 -0.04 0.32
N GLU A 12 35.81 -0.58 0.93
CA GLU A 12 35.62 -1.38 2.12
C GLU A 12 35.17 -0.47 3.27
N ALA A 13 35.67 0.76 3.28
CA ALA A 13 35.31 1.72 4.32
C ALA A 13 33.81 2.00 4.20
N TYR A 14 33.33 2.14 2.96
CA TYR A 14 31.91 2.38 2.73
C TYR A 14 31.09 1.19 3.22
N GLN A 15 31.55 -0.02 2.91
CA GLN A 15 30.84 -1.21 3.34
C GLN A 15 30.68 -1.19 4.86
N HIS A 16 31.74 -0.81 5.56
CA HIS A 16 31.69 -0.75 7.02
C HIS A 16 30.62 0.24 7.50
N LEU A 17 30.58 1.42 6.88
CA LEU A 17 29.62 2.45 7.20
C LEU A 17 28.22 1.96 6.91
N PHE A 18 28.03 1.37 5.73
CA PHE A 18 26.72 0.85 5.34
C PHE A 18 26.24 -0.19 6.34
N TYR A 19 27.18 -1.01 6.84
CA TYR A 19 26.83 -2.02 7.82
C TYR A 19 26.34 -1.39 9.12
N LEU A 20 26.95 -0.29 9.52
CA LEU A 20 26.54 0.42 10.74
C LEU A 20 25.11 0.95 10.53
N LEU A 21 24.85 1.45 9.32
CA LEU A 21 23.54 1.97 8.99
C LEU A 21 22.48 0.87 9.11
N GLN A 22 22.80 -0.34 8.66
CA GLN A 22 21.84 -1.45 8.73
C GLN A 22 21.56 -1.90 10.14
N THR A 23 22.60 -1.95 10.97
CA THR A 23 22.45 -2.41 12.35
C THR A 23 21.95 -1.40 13.38
N ASN A 24 21.98 -0.12 13.03
CA ASN A 24 21.50 0.92 13.95
C ASN A 24 20.46 1.74 13.22
N PRO A 25 19.21 1.29 13.26
CA PRO A 25 18.10 1.98 12.58
C PRO A 25 17.98 3.48 12.84
N THR A 26 18.49 3.97 13.97
CA THR A 26 18.38 5.39 14.26
C THR A 26 18.88 6.32 13.17
N TYR A 27 20.07 6.07 12.64
CA TYR A 27 20.63 6.91 11.60
C TYR A 27 19.69 7.14 10.42
N LEU A 28 19.25 6.06 9.79
CA LEU A 28 18.38 6.18 8.62
C LEU A 28 16.98 6.62 8.97
N ALA A 29 16.51 6.29 10.17
CA ALA A 29 15.19 6.73 10.56
C ALA A 29 15.20 8.27 10.56
N LYS A 30 16.20 8.86 11.20
CA LYS A 30 16.37 10.31 11.28
C LYS A 30 16.52 10.89 9.87
N LEU A 31 17.33 10.22 9.06
CA LEU A 31 17.57 10.68 7.69
C LEU A 31 16.28 10.82 6.91
N ILE A 32 15.43 9.80 7.01
CA ILE A 32 14.16 9.80 6.30
C ILE A 32 13.31 10.99 6.74
N PHE A 33 13.33 11.27 8.04
CA PHE A 33 12.56 12.37 8.60
C PHE A 33 12.96 13.69 7.94
N GLN A 34 14.26 13.86 7.70
CA GLN A 34 14.78 15.07 7.09
C GLN A 34 14.52 15.14 5.60
N PRO A 36 11.81 15.90 2.18
CA PRO A 36 10.64 16.64 1.68
C PRO A 36 9.42 15.76 1.44
N GLN A 37 8.26 16.28 1.79
CA GLN A 37 7.00 15.56 1.61
C GLN A 37 6.62 15.51 0.13
N ASN A 38 7.10 14.50 -0.58
CA ASN A 38 6.80 14.34 -2.00
C ASN A 38 5.75 13.25 -2.20
N LYS A 39 4.96 13.40 -3.26
CA LYS A 39 3.93 12.42 -3.57
C LYS A 39 4.61 11.10 -3.91
N SER A 40 5.87 11.20 -4.32
CA SER A 40 6.67 10.02 -4.68
C SER A 40 7.82 9.82 -3.70
N THR A 41 8.19 8.55 -3.49
CA THR A 41 9.28 8.20 -2.58
C THR A 41 10.39 7.52 -3.38
N LYS A 42 10.25 7.61 -4.70
CA LYS A 42 11.21 7.05 -5.66
C LYS A 42 12.67 7.16 -5.21
N PHE A 43 13.11 8.37 -4.85
CA PHE A 43 14.49 8.60 -4.44
C PHE A 43 14.88 7.97 -3.11
N ASP A 45 13.44 5.68 -1.56
CA ASP A 45 13.22 4.24 -1.64
C ASP A 45 14.48 3.55 -2.15
N SER A 46 15.07 4.08 -3.21
CA SER A 46 16.28 3.47 -3.76
C SER A 46 17.48 3.65 -2.82
N VAL A 47 17.52 4.77 -2.10
CA VAL A 47 18.60 5.01 -1.15
C VAL A 47 18.53 4.01 0.01
N ILE A 48 17.36 3.90 0.64
CA ILE A 48 17.16 3.00 1.78
C ILE A 48 17.21 1.52 1.43
N PHE A 49 16.33 1.11 0.53
CA PHE A 49 16.24 -0.28 0.14
C PHE A 49 17.55 -0.86 -0.32
N THR A 50 18.32 -0.07 -1.08
CA THR A 50 19.62 -0.50 -1.57
C THR A 50 20.56 -0.90 -0.45
N LEU A 51 20.53 -0.11 0.62
CA LEU A 51 21.40 -0.37 1.77
C LEU A 51 21.08 -1.71 2.42
N TYR A 52 19.89 -2.24 2.15
CA TYR A 52 19.52 -3.53 2.73
C TYR A 52 19.42 -4.62 1.66
N ASN A 53 19.95 -4.34 0.46
CA ASN A 53 19.86 -5.27 -0.65
C ASN A 53 18.40 -5.67 -0.86
N TYR A 54 17.49 -4.74 -0.63
CA TYR A 54 16.06 -5.03 -0.80
C TYR A 54 15.60 -6.25 -0.01
N ALA A 55 16.20 -6.44 1.16
CA ALA A 55 15.85 -7.55 2.02
C ALA A 55 16.04 -8.89 1.31
N SER A 56 17.22 -9.11 0.75
CA SER A 56 17.50 -10.37 0.05
C SER A 56 17.56 -11.58 1.00
N ASN A 57 17.77 -11.35 2.29
CA ASN A 57 17.79 -12.47 3.24
C ASN A 57 17.12 -12.11 4.57
N GLN A 58 16.90 -13.12 5.41
CA GLN A 58 16.24 -12.90 6.68
C GLN A 58 16.90 -11.84 7.57
N ARG A 59 18.22 -11.75 7.53
CA ARG A 59 18.91 -10.78 8.35
C ARG A 59 18.54 -9.35 7.97
N GLU A 60 18.62 -9.08 6.67
CA GLU A 60 18.32 -7.77 6.11
C GLU A 60 16.84 -7.47 6.28
N GLU A 61 16.02 -8.49 6.11
CA GLU A 61 14.59 -8.33 6.28
C GLU A 61 14.29 -7.86 7.70
N TYR A 62 14.94 -8.52 8.65
CA TYR A 62 14.76 -8.17 10.07
C TYR A 62 15.18 -6.74 10.33
N LEU A 63 16.39 -6.39 9.90
CA LEU A 63 16.88 -5.04 10.12
C LEU A 63 16.03 -3.98 9.41
N LEU A 64 15.54 -4.29 8.20
CA LEU A 64 14.72 -3.34 7.47
C LEU A 64 13.43 -3.01 8.24
N LEU A 65 12.73 -4.04 8.69
CA LEU A 65 11.51 -3.84 9.46
C LEU A 65 11.81 -3.05 10.73
N ARG A 66 13.01 -3.21 11.28
CA ARG A 66 13.36 -2.45 12.47
C ARG A 66 13.40 -0.98 12.10
N LEU A 67 13.97 -0.67 10.93
CA LEU A 67 14.00 0.71 10.46
C LEU A 67 12.58 1.24 10.26
N PHE A 68 11.73 0.48 9.57
CA PHE A 68 10.34 0.91 9.33
C PHE A 68 9.65 1.20 10.66
N LYS A 69 9.79 0.28 11.61
CA LYS A 69 9.17 0.45 12.91
C LYS A 69 9.67 1.75 13.54
N THR A 70 10.99 1.90 13.62
CA THR A 70 11.59 3.08 14.23
C THR A 70 11.15 4.37 13.54
N ALA A 71 11.23 4.41 12.22
CA ALA A 71 10.83 5.59 11.46
C ALA A 71 9.35 5.90 11.60
N LEU A 72 8.50 4.90 11.47
CA LEU A 72 7.06 5.10 11.59
C LEU A 72 6.74 5.70 12.95
N GLN A 73 7.29 5.09 14.00
CA GLN A 73 7.08 5.56 15.37
C GLN A 73 7.46 7.01 15.47
N GLU A 74 8.63 7.36 14.95
CA GLU A 74 9.09 8.74 14.98
C GLU A 74 8.11 9.65 14.24
N GLU A 75 7.74 9.27 13.02
CA GLU A 75 6.82 10.05 12.20
C GLU A 75 5.49 10.34 12.89
N ILE A 76 4.89 9.32 13.48
CA ILE A 76 3.61 9.51 14.17
C ILE A 76 3.78 10.47 15.34
N LYS A 77 4.87 10.29 16.08
CA LYS A 77 5.14 11.10 17.25
C LYS A 77 5.44 12.57 16.99
N SER A 78 6.14 12.87 15.90
CA SER A 78 6.51 14.25 15.64
C SER A 78 6.06 14.82 14.29
N LYS A 79 5.04 14.25 13.67
CA LYS A 79 4.58 14.74 12.38
C LYS A 79 3.07 14.67 12.20
N VAL A 80 2.44 13.66 12.79
CA VAL A 80 1.00 13.52 12.68
C VAL A 80 0.36 14.31 13.80
N ASP A 81 -0.26 15.43 13.46
CA ASP A 81 -0.89 16.31 14.44
C ASP A 81 -2.25 15.86 14.93
N GLN A 82 -3.18 15.60 14.01
CA GLN A 82 -4.53 15.18 14.38
C GLN A 82 -5.05 14.03 13.54
N ILE A 83 -4.19 13.05 13.29
CA ILE A 83 -4.55 11.89 12.47
C ILE A 83 -5.12 12.38 11.16
N GLN A 84 -5.83 11.51 10.44
CA GLN A 84 -6.42 11.86 9.15
C GLN A 84 -5.36 12.29 8.14
N GLU A 85 -4.25 12.81 8.65
CA GLU A 85 -3.14 13.24 7.81
C GLU A 85 -2.56 11.98 7.19
N ILE A 86 -2.69 10.86 7.91
CA ILE A 86 -2.20 9.59 7.42
C ILE A 86 -2.95 9.22 6.14
N VAL A 87 -4.22 9.62 6.08
CA VAL A 87 -5.06 9.34 4.93
C VAL A 87 -4.91 10.43 3.88
N THR A 88 -5.08 11.68 4.31
CA THR A 88 -5.00 12.84 3.44
C THR A 88 -3.61 13.19 2.91
N GLY A 89 -2.62 13.23 3.79
CA GLY A 89 -1.27 13.60 3.37
C GLY A 89 -0.42 12.56 2.68
N ASN A 90 0.89 12.74 2.78
CA ASN A 90 1.87 11.84 2.19
C ASN A 90 2.83 11.32 3.27
N PRO A 91 2.31 10.50 4.20
CA PRO A 91 3.14 9.95 5.28
C PRO A 91 4.32 9.20 4.65
N THR A 92 5.50 9.80 4.71
CA THR A 92 6.69 9.21 4.10
C THR A 92 6.90 7.72 4.39
N VAL A 93 6.86 7.35 5.66
CA VAL A 93 7.08 5.96 6.03
C VAL A 93 6.01 5.02 5.55
N ILE A 94 4.74 5.42 5.69
CA ILE A 94 3.64 4.57 5.25
C ILE A 94 3.78 4.18 3.78
N LYS A 95 4.03 5.17 2.93
CA LYS A 95 4.15 4.91 1.51
C LYS A 95 5.45 4.19 1.16
N VAL A 97 6.72 1.81 3.09
CA VAL A 97 6.36 0.44 3.43
C VAL A 97 5.53 -0.16 2.30
N VAL A 98 4.52 0.58 1.84
CA VAL A 98 3.69 0.10 0.74
C VAL A 98 4.54 -0.09 -0.51
N SER A 99 5.40 0.88 -0.81
CA SER A 99 6.25 0.77 -1.98
C SER A 99 7.14 -0.47 -1.87
N PHE A 100 7.68 -0.74 -0.68
CA PHE A 100 8.50 -1.92 -0.53
C PHE A 100 7.71 -3.19 -0.81
N ASN A 101 6.44 -3.17 -0.44
CA ASN A 101 5.57 -4.33 -0.63
C ASN A 101 5.04 -4.47 -2.05
N ARG A 102 5.69 -3.78 -2.98
CA ARG A 102 5.35 -3.87 -4.40
C ARG A 102 6.39 -4.79 -5.02
N GLY A 103 7.27 -5.33 -4.18
CA GLY A 103 8.30 -6.23 -4.65
C GLY A 103 7.80 -7.66 -4.65
N ALA A 104 8.68 -8.59 -5.01
CA ALA A 104 8.36 -10.02 -5.07
C ALA A 104 7.43 -10.51 -3.98
N ARG A 105 7.86 -10.38 -2.72
CA ARG A 105 7.05 -10.83 -1.59
C ARG A 105 5.64 -10.24 -1.64
N GLY A 106 5.53 -8.92 -1.47
CA GLY A 106 4.23 -8.26 -1.47
C GLY A 106 3.35 -8.59 -2.66
N GLN A 107 3.95 -8.60 -3.86
CA GLN A 107 3.25 -8.89 -5.10
C GLN A 107 2.65 -10.29 -5.10
N ASN A 108 3.47 -11.27 -4.68
CA ASN A 108 3.02 -12.65 -4.60
C ASN A 108 1.82 -12.77 -3.68
N ALA A 109 1.89 -12.06 -2.55
CA ALA A 109 0.81 -12.07 -1.56
C ALA A 109 -0.46 -11.50 -2.14
N LEU A 110 -0.38 -10.35 -2.79
CA LEU A 110 -1.58 -9.76 -3.37
C LEU A 110 -2.26 -10.68 -4.36
N ARG A 111 -1.49 -11.33 -5.24
CA ARG A 111 -2.10 -12.23 -6.21
C ARG A 111 -2.80 -13.41 -5.53
N GLN A 112 -2.20 -13.98 -4.49
CA GLN A 112 -2.86 -15.09 -3.80
C GLN A 112 -4.21 -14.65 -3.23
N ILE A 113 -4.26 -13.41 -2.78
CA ILE A 113 -5.47 -12.87 -2.20
C ILE A 113 -6.52 -12.46 -3.23
N LEU A 114 -6.10 -11.76 -4.27
CA LEU A 114 -7.03 -11.22 -5.27
C LEU A 114 -7.23 -11.92 -6.62
N ALA A 115 -6.20 -12.58 -7.13
CA ALA A 115 -6.29 -13.23 -8.45
C ALA A 115 -7.56 -14.02 -8.71
N PRO A 116 -7.93 -14.95 -7.82
CA PRO A 116 -9.15 -15.72 -8.06
C PRO A 116 -10.39 -14.88 -8.41
N VAL A 117 -10.72 -13.88 -7.57
CA VAL A 117 -11.89 -13.05 -7.82
C VAL A 117 -11.72 -12.08 -9.00
N VAL A 118 -10.51 -11.54 -9.19
CA VAL A 118 -10.29 -10.64 -10.31
C VAL A 118 -10.48 -11.43 -11.61
N LYS A 119 -9.98 -12.66 -11.63
CA LYS A 119 -10.11 -13.51 -12.81
C LYS A 119 -11.59 -13.75 -13.10
N GLU A 120 -12.35 -14.06 -12.06
CA GLU A 120 -13.79 -14.30 -12.22
C GLU A 120 -14.42 -13.11 -12.93
N ILE A 121 -14.15 -11.91 -12.44
CA ILE A 121 -14.70 -10.71 -13.07
C ILE A 121 -14.23 -10.60 -14.52
N ASP A 123 -13.36 -12.88 -16.55
CA ASP A 123 -14.02 -13.89 -17.37
C ASP A 123 -15.48 -13.60 -17.69
N ASP A 124 -16.29 -13.34 -16.67
CA ASP A 124 -17.71 -13.06 -16.87
C ASP A 124 -17.94 -11.98 -17.92
N LYS A 125 -18.31 -12.40 -19.13
CA LYS A 125 -18.56 -11.46 -20.21
C LYS A 125 -19.87 -10.73 -19.97
N SER A 126 -20.85 -11.45 -19.43
CA SER A 126 -22.17 -10.90 -19.14
C SER A 126 -22.28 -10.41 -17.71
N LEU A 127 -21.41 -9.49 -17.31
CA LEU A 127 -21.45 -8.97 -15.95
C LEU A 127 -22.13 -7.61 -15.98
N ASN A 128 -23.29 -7.54 -15.33
CA ASN A 128 -24.03 -6.30 -15.28
C ASN A 128 -24.18 -5.86 -13.84
N ILE A 129 -23.40 -4.88 -13.45
CA ILE A 129 -23.44 -4.35 -12.09
C ILE A 129 -23.68 -2.84 -12.16
N LYS A 130 -24.27 -2.41 -13.27
CA LYS A 130 -24.58 -1.01 -13.51
C LYS A 130 -25.63 -0.60 -12.48
N THR A 131 -25.37 0.47 -11.74
CA THR A 131 -26.29 0.91 -10.69
C THR A 131 -26.89 2.31 -10.85
N ASP A 132 -26.60 2.96 -11.97
CA ASP A 132 -27.11 4.30 -12.24
C ASP A 132 -28.40 4.23 -13.09
N PRO A 133 -29.55 4.58 -12.50
CA PRO A 133 -30.83 4.53 -13.22
C PRO A 133 -30.81 5.21 -14.60
N VAL A 134 -30.14 6.34 -14.71
CA VAL A 134 -30.08 7.05 -15.98
C VAL A 134 -29.32 6.24 -17.02
N ASP A 135 -28.17 5.68 -16.62
CA ASP A 135 -27.38 4.86 -17.53
C ASP A 135 -28.18 3.65 -18.00
N ILE A 136 -28.82 2.98 -17.05
CA ILE A 136 -29.62 1.80 -17.36
C ILE A 136 -30.71 2.16 -18.35
N TYR A 137 -31.31 3.33 -18.16
CA TYR A 137 -32.35 3.85 -19.03
C TYR A 137 -31.77 3.99 -20.44
N LYS A 138 -30.67 4.74 -20.56
CA LYS A 138 -30.03 4.95 -21.85
C LYS A 138 -29.71 3.64 -22.56
N SER A 139 -29.10 2.70 -21.84
CA SER A 139 -28.77 1.41 -22.45
C SER A 139 -30.04 0.75 -22.95
N TRP A 140 -31.12 0.92 -22.19
CA TRP A 140 -32.41 0.35 -22.55
C TRP A 140 -32.87 0.94 -23.88
N VAL A 141 -33.04 2.25 -23.93
CA VAL A 141 -33.46 2.94 -25.14
C VAL A 141 -32.62 2.54 -26.35
N ASN A 142 -31.30 2.51 -26.17
CA ASN A 142 -30.42 2.15 -27.27
C ASN A 142 -30.56 0.69 -27.67
N GLN A 143 -30.79 -0.18 -26.70
CA GLN A 143 -30.98 -1.60 -26.99
C GLN A 143 -32.21 -1.78 -27.86
N GLU A 145 -33.64 0.55 -29.76
CA GLU A 145 -33.31 1.21 -31.02
C GLU A 145 -32.65 0.25 -32.00
N SER A 146 -31.61 -0.47 -31.56
CA SER A 146 -30.93 -1.41 -32.44
C SER A 146 -31.74 -2.68 -32.70
N GLN A 147 -32.60 -3.04 -31.75
CA GLN A 147 -33.44 -4.24 -31.89
C GLN A 147 -34.51 -3.97 -32.94
N THR A 148 -35.20 -2.85 -32.77
CA THR A 148 -36.26 -2.44 -33.68
C THR A 148 -35.72 -1.90 -34.99
N GLY A 149 -34.84 -0.91 -34.91
CA GLY A 149 -34.27 -0.33 -36.10
C GLY A 149 -34.85 1.05 -36.32
N GLU A 150 -35.65 1.51 -35.36
CA GLU A 150 -36.26 2.82 -35.42
C GLU A 150 -35.91 3.62 -34.17
N ALA A 151 -35.82 4.93 -34.33
CA ALA A 151 -35.49 5.81 -33.22
C ALA A 151 -36.64 5.81 -32.22
N SER A 152 -36.32 5.51 -30.96
CA SER A 152 -37.34 5.48 -29.91
C SER A 152 -37.98 6.85 -29.76
N LYS A 153 -39.23 6.87 -29.32
CA LYS A 153 -39.95 8.12 -29.14
C LYS A 153 -39.63 8.68 -27.77
N LEU A 154 -38.85 7.92 -27.00
CA LEU A 154 -38.46 8.35 -25.67
C LEU A 154 -37.21 9.23 -25.76
N PRO A 155 -37.15 10.28 -24.92
CA PRO A 155 -36.00 11.20 -24.93
C PRO A 155 -34.73 10.52 -24.43
N TYR A 156 -33.59 10.84 -25.05
CA TYR A 156 -32.32 10.25 -24.65
C TYR A 156 -31.87 10.83 -23.32
N ASP A 157 -32.18 12.10 -23.10
CA ASP A 157 -31.81 12.77 -21.85
C ASP A 157 -33.00 12.72 -20.92
N VAL A 158 -32.79 12.19 -19.72
CA VAL A 158 -33.87 11.98 -18.78
C VAL A 158 -33.30 12.09 -17.34
N THR A 159 -34.12 12.49 -16.36
CA THR A 159 -33.65 12.58 -14.97
C THR A 159 -33.73 11.21 -14.31
N PRO A 160 -32.98 11.00 -13.21
CA PRO A 160 -32.98 9.71 -12.51
C PRO A 160 -34.38 9.29 -12.08
N GLU A 161 -35.12 10.23 -11.50
CA GLU A 161 -36.47 9.95 -11.05
C GLU A 161 -37.38 9.59 -12.22
N GLN A 162 -37.26 10.32 -13.33
CA GLN A 162 -38.09 10.02 -14.48
C GLN A 162 -37.59 8.78 -15.22
N ALA A 163 -36.34 8.43 -14.97
CA ALA A 163 -35.77 7.24 -15.58
C ALA A 163 -36.32 6.03 -14.85
N LEU A 164 -36.39 6.13 -13.52
CA LEU A 164 -36.90 5.05 -12.69
C LEU A 164 -38.41 4.90 -12.84
N ALA A 165 -39.00 5.81 -13.60
CA ALA A 165 -40.44 5.79 -13.85
C ALA A 165 -40.83 4.55 -14.67
N HIS A 166 -39.90 4.06 -15.48
CA HIS A 166 -40.13 2.89 -16.32
C HIS A 166 -39.89 1.58 -15.56
N GLU A 167 -40.87 0.68 -15.63
CA GLU A 167 -40.78 -0.60 -14.94
C GLU A 167 -39.58 -1.42 -15.37
N GLU A 168 -39.24 -1.37 -16.65
CA GLU A 168 -38.11 -2.13 -17.15
C GLU A 168 -36.80 -1.63 -16.53
N VAL A 169 -36.71 -0.33 -16.32
CA VAL A 169 -35.53 0.27 -15.71
C VAL A 169 -35.43 -0.21 -14.27
N LYS A 170 -36.50 -0.02 -13.51
CA LYS A 170 -36.52 -0.44 -12.11
C LYS A 170 -36.20 -1.91 -11.94
N THR A 171 -36.60 -2.72 -12.92
CA THR A 171 -36.36 -4.15 -12.87
C THR A 171 -34.90 -4.47 -13.11
N ARG A 172 -34.32 -3.84 -14.11
CA ARG A 172 -32.92 -4.07 -14.41
C ARG A 172 -32.08 -3.55 -13.25
N LEU A 173 -32.47 -2.42 -12.68
CA LEU A 173 -31.74 -1.85 -11.56
C LEU A 173 -31.75 -2.82 -10.38
N ASP A 174 -32.92 -3.35 -10.04
CA ASP A 174 -33.00 -4.29 -8.94
C ASP A 174 -32.07 -5.46 -9.21
N SER A 175 -32.06 -5.92 -10.45
CA SER A 175 -31.20 -7.04 -10.81
C SER A 175 -29.72 -6.67 -10.70
N SER A 176 -29.37 -5.51 -11.24
CA SER A 176 -27.99 -5.02 -11.21
C SER A 176 -27.51 -4.80 -9.79
N ILE A 177 -28.39 -4.29 -8.94
CA ILE A 177 -28.05 -4.03 -7.54
C ILE A 177 -27.65 -5.33 -6.84
N ARG A 178 -28.45 -6.37 -7.06
CA ARG A 178 -28.17 -7.67 -6.44
C ARG A 178 -26.83 -8.20 -6.92
N ASN A 179 -26.51 -7.97 -8.19
CA ASN A 179 -25.24 -8.42 -8.74
C ASN A 179 -24.07 -7.68 -8.09
N ARG A 181 -23.83 -6.43 -5.33
CA ARG A 181 -23.67 -6.91 -3.97
C ARG A 181 -22.98 -8.26 -3.93
N ALA A 182 -23.43 -9.19 -4.77
CA ALA A 182 -22.81 -10.52 -4.80
C ALA A 182 -21.33 -10.41 -5.18
N VAL A 183 -21.06 -9.67 -6.25
CA VAL A 183 -19.70 -9.47 -6.73
C VAL A 183 -18.82 -8.85 -5.65
N THR A 184 -19.34 -7.82 -4.99
CA THR A 184 -18.59 -7.16 -3.93
C THR A 184 -18.41 -8.09 -2.74
N ASP A 185 -19.38 -8.96 -2.51
CA ASP A 185 -19.29 -9.88 -1.38
C ASP A 185 -18.18 -10.92 -1.61
N LYS A 186 -17.94 -11.28 -2.87
CA LYS A 186 -16.90 -12.25 -3.18
C LYS A 186 -15.53 -11.68 -2.90
N PHE A 187 -15.33 -10.42 -3.27
CA PHE A 187 -14.06 -9.76 -3.03
C PHE A 187 -13.83 -9.57 -1.54
N LEU A 188 -14.87 -9.10 -0.85
CA LEU A 188 -14.78 -8.89 0.60
C LEU A 188 -14.36 -10.19 1.27
N SER A 189 -15.08 -11.26 0.99
CA SER A 189 -14.78 -12.55 1.59
C SER A 189 -13.36 -13.03 1.30
N ALA A 190 -12.96 -12.95 0.03
CA ALA A 190 -11.62 -13.36 -0.35
C ALA A 190 -10.56 -12.61 0.45
N ILE A 191 -10.84 -11.35 0.76
CA ILE A 191 -9.89 -10.53 1.51
C ILE A 191 -9.94 -10.82 3.01
N VAL A 192 -11.14 -10.88 3.56
CA VAL A 192 -11.34 -11.12 4.98
C VAL A 192 -10.84 -12.49 5.46
N SER A 193 -10.93 -13.49 4.60
CA SER A 193 -10.49 -14.84 4.95
C SER A 193 -9.06 -15.14 4.55
N SER A 194 -8.29 -14.12 4.21
CA SER A 194 -6.90 -14.34 3.79
C SER A 194 -5.91 -13.47 4.52
N VAL A 195 -6.26 -13.10 5.75
CA VAL A 195 -5.41 -12.25 6.57
C VAL A 195 -4.01 -12.84 6.65
N ASP A 196 -3.93 -14.17 6.71
CA ASP A 196 -2.66 -14.85 6.83
C ASP A 196 -1.81 -14.79 5.56
N LYS A 197 -2.42 -14.38 4.46
CA LYS A 197 -1.69 -14.27 3.21
C LYS A 197 -0.99 -12.91 3.08
N ILE A 198 -1.37 -11.95 3.92
CA ILE A 198 -0.75 -10.62 3.89
C ILE A 198 0.65 -10.76 4.48
N PRO A 199 1.66 -10.18 3.80
CA PRO A 199 3.04 -10.27 4.30
C PRO A 199 3.16 -9.81 5.74
N TYR A 200 3.90 -10.57 6.54
CA TYR A 200 4.14 -10.25 7.94
C TYR A 200 4.59 -8.79 8.08
N GLY A 201 5.56 -8.39 7.26
CA GLY A 201 6.06 -7.03 7.30
C GLY A 201 4.95 -5.99 7.20
N ARG A 203 1.58 -6.64 8.01
CA ARG A 203 0.75 -6.76 9.19
C ARG A 203 1.47 -6.16 10.38
N PHE A 204 2.76 -6.43 10.48
CA PHE A 204 3.56 -5.92 11.58
C PHE A 204 3.51 -4.40 11.65
N ILE A 205 3.65 -3.75 10.50
CA ILE A 205 3.61 -2.29 10.46
C ILE A 205 2.24 -1.75 10.85
N ALA A 206 1.19 -2.47 10.50
CA ALA A 206 -0.16 -2.04 10.86
C ALA A 206 -0.24 -2.11 12.37
N LYS A 207 0.38 -3.15 12.95
CA LYS A 207 0.40 -3.33 14.40
C LYS A 207 1.12 -2.14 15.03
N VAL A 208 2.24 -1.76 14.44
CA VAL A 208 3.03 -0.62 14.94
C VAL A 208 2.23 0.66 14.84
N LEU A 209 1.60 0.88 13.67
CA LEU A 209 0.81 2.06 13.40
C LEU A 209 -0.30 2.25 14.42
N LYS A 210 -1.07 1.19 14.64
CA LYS A 210 -2.16 1.24 15.59
C LYS A 210 -1.63 1.55 16.99
N ASP A 211 -0.53 0.91 17.38
CA ASP A 211 0.04 1.17 18.71
C ASP A 211 0.53 2.60 18.84
N SER A 212 1.21 3.11 17.83
CA SER A 212 1.72 4.48 17.89
C SER A 212 0.60 5.52 17.91
N LEU A 213 -0.41 5.31 17.08
CA LEU A 213 -1.53 6.23 17.02
C LEU A 213 -2.30 6.27 18.33
N HIS A 214 -2.55 5.11 18.89
CA HIS A 214 -3.27 5.01 20.15
C HIS A 214 -2.50 5.72 21.25
N GLU A 215 -1.18 5.79 21.09
CA GLU A 215 -0.33 6.42 22.08
C GLU A 215 -0.28 7.94 21.94
N LYS A 216 -0.53 8.45 20.74
CA LYS A 216 -0.53 9.89 20.53
C LYS A 216 -1.94 10.46 20.62
N PHE A 217 -2.93 9.64 20.33
CA PHE A 217 -4.32 10.06 20.40
C PHE A 217 -5.14 9.10 21.25
N PRO A 218 -4.97 9.17 22.58
CA PRO A 218 -5.69 8.31 23.52
C PRO A 218 -7.19 8.52 23.44
N ASP A 219 -7.59 9.72 23.04
CA ASP A 219 -9.00 10.07 22.91
C ASP A 219 -9.64 9.49 21.65
N ALA A 220 -8.80 9.00 20.74
CA ALA A 220 -9.28 8.42 19.49
C ALA A 220 -9.95 7.07 19.73
N GLY A 221 -11.14 6.91 19.14
CA GLY A 221 -11.87 5.66 19.31
C GLY A 221 -11.32 4.48 18.53
N GLU A 222 -11.48 3.28 19.09
CA GLU A 222 -11.01 2.05 18.48
C GLU A 222 -11.48 1.92 17.03
N ASP A 223 -12.61 2.55 16.73
CA ASP A 223 -13.17 2.49 15.38
C ASP A 223 -12.40 3.41 14.44
N GLU A 224 -12.19 4.64 14.88
CA GLU A 224 -11.47 5.63 14.08
C GLU A 224 -10.03 5.18 13.81
N LEU A 225 -9.48 4.34 14.69
CA LEU A 225 -8.12 3.85 14.54
C LEU A 225 -8.08 2.67 13.58
N LEU A 226 -9.09 1.82 13.65
CA LEU A 226 -9.15 0.67 12.76
C LEU A 226 -9.39 1.14 11.34
N LYS A 227 -10.12 2.24 11.19
CA LYS A 227 -10.36 2.77 9.86
C LYS A 227 -9.03 3.23 9.29
N ILE A 228 -8.17 3.77 10.16
CA ILE A 228 -6.86 4.24 9.73
C ILE A 228 -6.04 3.03 9.28
N ILE A 229 -6.13 1.93 10.03
CA ILE A 229 -5.39 0.74 9.65
C ILE A 229 -5.88 0.22 8.30
N GLY A 230 -7.18 0.39 8.05
CA GLY A 230 -7.77 -0.04 6.80
C GLY A 230 -7.22 0.78 5.66
N ASN A 231 -6.91 2.05 5.93
CA ASN A 231 -6.36 2.89 4.88
C ASN A 231 -5.06 2.26 4.37
N LEU A 232 -4.26 1.73 5.28
CA LEU A 232 -3.00 1.08 4.93
C LEU A 232 -3.24 -0.26 4.25
N LEU A 233 -3.93 -1.15 4.96
CA LEU A 233 -4.19 -2.51 4.47
C LEU A 233 -5.04 -2.61 3.23
N TYR A 234 -6.21 -1.98 3.23
CA TYR A 234 -7.04 -2.07 2.05
C TYR A 234 -6.77 -0.97 1.01
N TYR A 235 -7.07 0.27 1.35
CA TYR A 235 -6.92 1.36 0.39
C TYR A 235 -5.55 1.53 -0.26
N ARG A 236 -4.51 1.71 0.53
CA ARG A 236 -3.17 1.91 -0.04
C ARG A 236 -2.57 0.65 -0.65
N TYR A 237 -2.69 -0.47 0.05
CA TYR A 237 -2.08 -1.71 -0.41
C TYR A 237 -2.83 -2.48 -1.50
N ASN A 239 -6.37 -1.70 -2.99
CA ASN A 239 -7.18 -0.97 -3.95
C ASN A 239 -6.56 -0.74 -5.33
N PRO A 240 -5.34 -0.19 -5.39
CA PRO A 240 -4.70 0.07 -6.69
C PRO A 240 -4.58 -1.19 -7.54
N ALA A 241 -4.34 -2.32 -6.89
CA ALA A 241 -4.19 -3.60 -7.61
C ALA A 241 -5.53 -4.09 -8.16
N ILE A 242 -6.63 -3.84 -7.46
CA ILE A 242 -7.93 -4.26 -7.95
C ILE A 242 -8.27 -3.35 -9.13
N VAL A 243 -7.89 -2.08 -9.02
CA VAL A 243 -8.16 -1.14 -10.10
C VAL A 243 -7.32 -1.42 -11.34
N ALA A 244 -6.08 -1.87 -11.15
CA ALA A 244 -5.19 -2.15 -12.28
C ALA A 244 -4.44 -3.45 -12.07
N PRO A 245 -5.17 -4.59 -12.03
CA PRO A 245 -4.61 -5.91 -11.83
C PRO A 245 -3.40 -6.29 -12.68
N ASP A 246 -3.37 -5.88 -13.95
CA ASP A 246 -2.23 -6.23 -14.77
C ASP A 246 -1.00 -5.45 -14.33
N ALA A 247 -1.15 -4.14 -14.19
CA ALA A 247 -0.05 -3.28 -13.78
C ALA A 247 0.55 -3.72 -12.44
N PHE A 248 -0.26 -4.36 -11.60
CA PHE A 248 0.22 -4.82 -10.30
C PHE A 248 0.48 -6.31 -10.23
N ASP A 249 0.63 -6.94 -11.40
CA ASP A 249 0.89 -8.37 -11.49
C ASP A 249 -0.02 -9.31 -10.73
N ILE A 250 -1.32 -8.99 -10.72
CA ILE A 250 -2.30 -9.84 -10.07
C ILE A 250 -2.65 -10.91 -11.09
N ILE A 251 -2.68 -10.50 -12.35
CA ILE A 251 -2.98 -11.36 -13.48
C ILE A 251 -1.89 -11.20 -14.54
N ASP A 252 -1.72 -12.20 -15.39
CA ASP A 252 -0.72 -12.13 -16.45
C ASP A 252 -1.42 -12.16 -17.79
N LEU A 253 -1.47 -11.01 -18.44
CA LEU A 253 -2.10 -10.90 -19.75
C LEU A 253 -1.10 -11.20 -20.85
N SER A 254 -1.61 -11.56 -22.03
CA SER A 254 -0.76 -11.86 -23.18
C SER A 254 0.28 -10.77 -23.38
N ALA A 255 1.37 -11.12 -24.06
CA ALA A 255 2.45 -10.17 -24.31
C ALA A 255 1.95 -8.81 -24.80
N GLY A 256 0.82 -8.81 -25.50
CA GLY A 256 0.29 -7.56 -26.01
C GLY A 256 -1.16 -7.31 -25.65
N GLY A 257 -1.60 -7.85 -24.52
CA GLY A 257 -2.98 -7.67 -24.11
C GLY A 257 -3.18 -6.63 -23.04
N GLN A 258 -4.42 -6.18 -22.90
CA GLN A 258 -4.78 -5.17 -21.91
C GLN A 258 -6.25 -5.37 -21.54
N LEU A 259 -6.64 -4.82 -20.40
CA LEU A 259 -8.01 -4.93 -19.96
C LEU A 259 -8.94 -4.18 -20.91
N THR A 260 -10.16 -4.69 -21.05
CA THR A 260 -11.17 -4.07 -21.89
C THR A 260 -11.78 -2.92 -21.07
N THR A 261 -12.43 -1.96 -21.72
CA THR A 261 -13.01 -0.85 -20.98
C THR A 261 -14.06 -1.38 -20.01
N ASP A 262 -14.74 -2.46 -20.38
CA ASP A 262 -15.76 -3.06 -19.53
C ASP A 262 -15.10 -3.62 -18.28
N GLN A 263 -14.03 -4.38 -18.47
CA GLN A 263 -13.31 -4.97 -17.37
C GLN A 263 -12.80 -3.90 -16.41
N ARG A 264 -12.19 -2.85 -16.96
CA ARG A 264 -11.66 -1.78 -16.14
C ARG A 264 -12.80 -1.10 -15.37
N ARG A 265 -13.88 -0.78 -16.06
CA ARG A 265 -15.00 -0.12 -15.42
C ARG A 265 -15.52 -0.98 -14.27
N ASN A 266 -15.71 -2.26 -14.54
CA ASN A 266 -16.21 -3.18 -13.53
C ASN A 266 -15.34 -3.24 -12.28
N LEU A 267 -14.04 -3.38 -12.48
CA LEU A 267 -13.10 -3.44 -11.36
C LEU A 267 -13.10 -2.11 -10.63
N GLY A 268 -13.25 -1.04 -11.39
CA GLY A 268 -13.28 0.29 -10.80
C GLY A 268 -14.43 0.41 -9.83
N SER A 269 -15.60 -0.08 -10.23
CA SER A 269 -16.79 -0.03 -9.40
C SER A 269 -16.67 -0.92 -8.17
N ILE A 270 -16.14 -2.11 -8.34
CA ILE A 270 -15.98 -3.02 -7.22
C ILE A 270 -15.01 -2.40 -6.22
N ALA A 271 -13.90 -1.85 -6.71
CA ALA A 271 -12.92 -1.24 -5.84
C ALA A 271 -13.60 -0.12 -5.04
N LYS A 272 -14.47 0.65 -5.72
CA LYS A 272 -15.20 1.73 -5.08
C LYS A 272 -16.08 1.17 -3.95
N LEU A 274 -15.67 -1.61 -2.22
CA LEU A 274 -14.81 -2.01 -1.11
C LEU A 274 -14.28 -0.80 -0.34
N GLN A 275 -13.93 0.25 -1.06
CA GLN A 275 -13.43 1.47 -0.44
C GLN A 275 -14.49 2.01 0.55
N HIS A 276 -15.74 2.06 0.10
CA HIS A 276 -16.81 2.57 0.96
C HIS A 276 -17.01 1.68 2.16
N ALA A 277 -16.96 0.37 1.94
CA ALA A 277 -17.13 -0.58 3.02
C ALA A 277 -16.02 -0.46 4.06
N ALA A 278 -14.77 -0.37 3.61
CA ALA A 278 -13.62 -0.29 4.52
C ALA A 278 -13.64 0.92 5.44
N SER A 279 -14.29 2.00 5.02
CA SER A 279 -14.33 3.20 5.83
C SER A 279 -15.75 3.52 6.32
N ASN A 280 -16.66 2.57 6.13
CA ASN A 280 -18.04 2.76 6.55
C ASN A 280 -18.59 4.09 6.01
N LYS A 281 -18.34 4.32 4.73
CA LYS A 281 -18.73 5.53 4.00
C LYS A 281 -19.97 5.21 3.16
N PHE A 283 -23.22 5.94 0.45
CA PHE A 283 -23.44 6.71 -0.76
C PHE A 283 -24.45 7.78 -0.41
N LEU A 284 -24.13 9.03 -0.72
CA LEU A 284 -25.05 10.12 -0.41
C LEU A 284 -25.66 10.69 -1.69
N GLY A 285 -26.17 11.91 -1.61
CA GLY A 285 -26.81 12.52 -2.76
C GLY A 285 -28.28 12.10 -2.78
N ASP A 286 -28.96 12.39 -3.88
CA ASP A 286 -30.37 12.05 -3.99
C ASP A 286 -30.50 10.69 -4.67
N ASN A 287 -29.90 9.68 -4.04
CA ASN A 287 -29.90 8.33 -4.60
C ASN A 287 -30.48 7.31 -3.63
N ALA A 288 -31.78 7.42 -3.35
CA ALA A 288 -32.45 6.50 -2.44
C ALA A 288 -32.53 5.06 -2.96
N HIS A 289 -32.35 4.91 -4.27
CA HIS A 289 -32.39 3.58 -4.89
C HIS A 289 -31.18 2.76 -4.44
N LEU A 290 -30.17 3.45 -3.91
CA LEU A 290 -28.95 2.82 -3.44
C LEU A 290 -29.00 2.44 -1.96
N SER A 291 -30.16 2.62 -1.32
CA SER A 291 -30.24 2.30 0.10
C SER A 291 -29.91 0.83 0.40
N ILE A 292 -30.20 -0.06 -0.56
CA ILE A 292 -29.90 -1.48 -0.38
C ILE A 292 -28.37 -1.62 -0.30
N ILE A 293 -27.68 -0.88 -1.16
CA ILE A 293 -26.23 -0.88 -1.20
C ILE A 293 -25.66 -0.32 0.10
N ASN A 294 -26.24 0.79 0.59
CA ASN A 294 -25.76 1.38 1.84
C ASN A 294 -25.91 0.42 3.01
N GLU A 295 -27.03 -0.30 3.06
CA GLU A 295 -27.26 -1.28 4.12
C GLU A 295 -26.18 -2.34 4.03
N TYR A 296 -25.83 -2.73 2.81
CA TYR A 296 -24.80 -3.73 2.59
C TYR A 296 -23.43 -3.20 3.05
N LEU A 297 -23.18 -1.91 2.80
CA LEU A 297 -21.91 -1.31 3.19
C LEU A 297 -21.73 -1.31 4.72
N SER A 298 -22.79 -0.95 5.44
CA SER A 298 -22.74 -0.91 6.90
C SER A 298 -22.45 -2.30 7.45
N GLN A 299 -23.08 -3.32 6.88
CA GLN A 299 -22.85 -4.68 7.31
C GLN A 299 -21.43 -5.09 6.97
N SER A 300 -21.00 -4.76 5.75
CA SER A 300 -19.66 -5.09 5.29
C SER A 300 -18.56 -4.46 6.14
N TYR A 301 -18.80 -3.25 6.60
CA TYR A 301 -17.81 -2.57 7.42
C TYR A 301 -17.50 -3.41 8.64
N GLN A 302 -18.53 -4.06 9.19
CA GLN A 302 -18.33 -4.90 10.38
C GLN A 302 -17.28 -5.96 10.10
N LYS A 303 -17.36 -6.59 8.93
CA LYS A 303 -16.41 -7.61 8.56
C LYS A 303 -15.02 -6.98 8.41
N PHE A 304 -14.94 -5.90 7.64
CA PHE A 304 -13.66 -5.22 7.43
C PHE A 304 -13.00 -4.80 8.74
N ARG A 305 -13.81 -4.35 9.70
CA ARG A 305 -13.29 -3.91 10.99
C ARG A 305 -12.59 -5.04 11.74
N ARG A 306 -13.23 -6.21 11.81
CA ARG A 306 -12.65 -7.35 12.49
C ARG A 306 -11.37 -7.79 11.78
N PHE A 307 -11.38 -7.68 10.45
CA PHE A 307 -10.24 -8.03 9.61
C PHE A 307 -9.04 -7.13 9.93
N PHE A 308 -9.27 -5.82 9.96
CA PHE A 308 -8.21 -4.87 10.27
C PHE A 308 -7.63 -5.20 11.64
N GLN A 309 -8.50 -5.58 12.57
CA GLN A 309 -8.10 -5.94 13.91
C GLN A 309 -7.22 -7.20 13.92
N THR A 310 -7.70 -8.24 13.25
CA THR A 310 -6.97 -9.50 13.16
C THR A 310 -5.61 -9.33 12.46
N ALA A 311 -5.56 -8.49 11.44
CA ALA A 311 -4.33 -8.26 10.70
C ALA A 311 -3.21 -7.75 11.61
N CYS A 312 -3.57 -6.98 12.64
CA CYS A 312 -2.61 -6.41 13.58
C CYS A 312 -2.13 -7.40 14.64
N ASP A 313 -2.89 -8.48 14.80
CA ASP A 313 -2.57 -9.50 15.78
C ASP A 313 -1.45 -10.37 15.23
N VAL A 314 -0.25 -9.86 15.36
CA VAL A 314 0.94 -10.54 14.85
C VAL A 314 2.08 -10.49 15.87
N PRO A 315 2.97 -11.51 15.85
CA PRO A 315 4.10 -11.58 16.78
C PRO A 315 5.09 -10.42 16.67
N GLU A 316 5.78 -10.15 17.77
CA GLU A 316 6.79 -9.10 17.80
C GLU A 316 7.92 -9.53 16.86
N LEU A 317 8.76 -8.58 16.50
CA LEU A 317 9.85 -8.86 15.57
C LEU A 317 10.76 -9.98 16.06
N GLN A 318 11.13 -9.94 17.33
CA GLN A 318 11.99 -10.95 17.94
C GLN A 318 11.46 -12.36 17.72
N ASP A 319 10.21 -12.56 18.11
CA ASP A 319 9.55 -13.85 18.00
C ASP A 319 9.40 -14.33 16.57
N LYS A 320 9.00 -13.45 15.67
CA LYS A 320 8.80 -13.85 14.29
C LYS A 320 10.03 -14.39 13.60
N PHE A 321 11.17 -13.72 13.76
CA PHE A 321 12.39 -14.18 13.12
C PHE A 321 13.18 -15.15 13.99
N ASN A 322 12.53 -15.64 15.03
CA ASN A 322 13.17 -16.59 15.96
C ASN A 322 14.58 -16.14 16.34
N VAL A 323 14.69 -14.97 16.95
CA VAL A 323 16.01 -14.48 17.34
C VAL A 323 16.08 -13.98 18.76
N ASP A 324 17.17 -14.32 19.43
CA ASP A 324 17.39 -13.91 20.80
C ASP A 324 18.47 -12.83 20.96
N GLU A 325 19.36 -12.65 19.97
CA GLU A 325 20.48 -11.68 20.16
C GLU A 325 21.19 -10.86 19.07
N TYR A 326 21.06 -11.27 17.80
CA TYR A 326 21.72 -10.66 16.62
C TYR A 326 22.86 -11.59 16.28
N SER A 327 23.27 -12.38 17.27
CA SER A 327 24.30 -13.36 17.08
C SER A 327 23.66 -14.32 16.09
N ASP A 328 22.34 -14.20 15.98
CA ASP A 328 21.54 -15.01 15.08
C ASP A 328 21.39 -14.25 13.76
N LEU A 329 20.76 -14.88 12.78
CA LEU A 329 20.55 -14.25 11.47
C LEU A 329 21.85 -14.10 10.69
N VAL A 330 22.92 -13.71 11.38
CA VAL A 330 24.22 -13.51 10.74
C VAL A 330 24.89 -14.81 10.27
N THR A 331 24.28 -15.45 9.28
CA THR A 331 24.81 -16.69 8.72
C THR A 331 25.42 -16.39 7.35
N LEU A 332 25.23 -15.16 6.90
CA LEU A 332 25.76 -14.71 5.61
C LEU A 332 27.25 -14.42 5.73
N THR A 333 27.83 -14.80 6.86
CA THR A 333 29.26 -14.60 7.13
C THR A 333 29.64 -13.12 7.04
N LYS A 334 30.20 -12.73 5.90
CA LYS A 334 30.61 -11.35 5.69
C LYS A 334 29.53 -10.61 4.90
N PRO A 335 28.74 -9.77 5.59
CA PRO A 335 27.66 -9.02 4.96
C PRO A 335 28.16 -8.03 3.90
N VAL A 336 27.69 -8.22 2.68
CA VAL A 336 28.06 -7.34 1.59
C VAL A 336 26.81 -6.59 1.13
N ILE A 337 26.96 -5.29 0.90
CA ILE A 337 25.85 -4.47 0.40
C ILE A 337 26.26 -4.20 -1.04
N TYR A 338 25.42 -4.61 -1.98
CA TYR A 338 25.70 -4.42 -3.40
C TYR A 338 25.17 -3.07 -3.84
N ILE A 339 26.10 -2.17 -4.12
CA ILE A 339 25.75 -0.81 -4.46
C ILE A 339 26.70 -0.22 -5.51
N SER A 340 26.16 0.59 -6.40
CA SER A 340 26.95 1.23 -7.46
C SER A 340 27.65 2.49 -6.96
N ILE A 341 28.57 3.01 -7.77
CA ILE A 341 29.31 4.22 -7.43
C ILE A 341 28.33 5.38 -7.35
N GLY A 342 27.37 5.39 -8.27
CA GLY A 342 26.38 6.45 -8.30
C GLY A 342 25.55 6.48 -7.02
N GLU A 343 25.18 5.30 -6.54
CA GLU A 343 24.39 5.20 -5.32
C GLU A 343 25.23 5.56 -4.10
N ILE A 344 26.53 5.21 -4.13
CA ILE A 344 27.41 5.55 -3.01
C ILE A 344 27.45 7.06 -2.85
N ILE A 345 27.62 7.74 -3.98
CA ILE A 345 27.68 9.20 -3.99
C ILE A 345 26.39 9.80 -3.44
N ASN A 346 25.24 9.27 -3.84
CA ASN A 346 23.99 9.81 -3.33
C ASN A 346 23.92 9.59 -1.82
N THR A 347 24.18 8.36 -1.38
CA THR A 347 24.13 8.05 0.04
C THR A 347 25.11 8.93 0.83
N HIS A 348 26.38 8.92 0.43
CA HIS A 348 27.40 9.71 1.09
C HIS A 348 27.00 11.18 1.20
N THR A 349 26.46 11.73 0.11
CA THR A 349 26.06 13.13 0.11
C THR A 349 24.97 13.41 1.15
N LEU A 350 23.97 12.54 1.22
CA LEU A 350 22.88 12.72 2.18
C LEU A 350 23.37 12.63 3.63
N LEU A 351 24.17 11.62 3.95
CA LEU A 351 24.67 11.47 5.31
C LEU A 351 25.44 12.73 5.72
N LEU A 352 26.17 13.31 4.78
CA LEU A 352 26.92 14.52 5.09
C LEU A 352 26.04 15.75 5.26
N ASP A 353 24.93 15.82 4.54
CA ASP A 353 24.04 16.99 4.66
C ASP A 353 23.22 17.01 5.93
N HIS A 354 22.99 15.84 6.49
CA HIS A 354 22.19 15.72 7.70
C HIS A 354 22.98 15.02 8.80
N GLN A 355 24.30 15.11 8.71
CA GLN A 355 25.15 14.45 9.69
C GLN A 355 24.82 14.72 11.14
N ASP A 356 24.63 15.99 11.50
CA ASP A 356 24.31 16.31 12.88
C ASP A 356 22.87 15.98 13.28
N ALA A 357 21.99 15.83 12.29
CA ALA A 357 20.60 15.50 12.58
C ALA A 357 20.44 14.00 12.79
N ILE A 358 21.25 13.20 12.08
CA ILE A 358 21.18 11.75 12.18
C ILE A 358 22.06 11.21 13.30
N ALA A 359 23.04 12.00 13.73
CA ALA A 359 23.94 11.60 14.81
C ALA A 359 24.18 12.83 15.67
N PRO A 360 23.19 13.19 16.50
CA PRO A 360 23.28 14.36 17.37
C PRO A 360 24.44 14.35 18.38
N GLU A 361 24.84 13.17 18.84
CA GLU A 361 25.95 13.06 19.79
C GLU A 361 27.30 13.31 19.13
N HIS A 362 28.04 14.27 19.66
CA HIS A 362 29.35 14.62 19.11
C HIS A 362 30.30 13.44 19.04
N ASN A 363 30.14 12.48 19.95
CA ASN A 363 31.02 11.32 19.97
C ASN A 363 30.43 10.07 19.29
N ASP A 364 29.38 10.27 18.50
CA ASP A 364 28.75 9.16 17.79
C ASP A 364 29.78 8.55 16.84
N PRO A 365 29.94 7.22 16.86
CA PRO A 365 30.92 6.54 16.01
C PRO A 365 30.87 6.91 14.53
N ILE A 366 29.68 7.15 13.99
CA ILE A 366 29.59 7.50 12.58
C ILE A 366 30.37 8.75 12.18
N HIS A 367 30.57 9.67 13.12
CA HIS A 367 31.30 10.88 12.79
C HIS A 367 32.72 10.62 12.34
N GLU A 368 33.40 9.68 13.00
CA GLU A 368 34.76 9.34 12.62
C GLU A 368 34.76 8.65 11.26
N LEU A 369 33.86 7.68 11.09
CA LEU A 369 33.75 6.94 9.84
C LEU A 369 33.59 7.89 8.66
N LEU A 370 32.69 8.86 8.79
CA LEU A 370 32.46 9.83 7.72
C LEU A 370 33.67 10.74 7.55
N ASP A 371 34.34 11.05 8.66
CA ASP A 371 35.51 11.92 8.62
C ASP A 371 36.65 11.33 7.80
N ASP A 372 37.08 10.13 8.18
CA ASP A 372 38.17 9.47 7.47
C ASP A 372 37.78 9.03 6.07
N LEU A 373 36.49 8.92 5.82
CA LEU A 373 36.00 8.53 4.50
C LEU A 373 36.23 9.77 3.61
N GLY A 374 36.26 10.92 4.25
CA GLY A 374 36.52 12.16 3.55
C GLY A 374 35.57 12.72 2.50
N GLU A 375 36.13 13.01 1.33
CA GLU A 375 35.35 13.59 0.23
C GLU A 375 34.47 12.67 -0.58
N VAL A 376 33.30 13.19 -0.94
CA VAL A 376 32.37 12.43 -1.76
C VAL A 376 33.10 12.14 -3.06
N PRO A 377 33.10 10.88 -3.50
CA PRO A 377 33.76 10.47 -4.73
C PRO A 377 33.15 11.08 -5.99
N THR A 378 33.94 11.13 -7.06
CA THR A 378 33.48 11.66 -8.32
C THR A 378 32.89 10.50 -9.11
N ILE A 379 32.07 10.81 -10.11
CA ILE A 379 31.43 9.78 -10.93
C ILE A 379 32.43 8.71 -11.34
N GLU A 380 33.72 9.07 -11.30
CA GLU A 380 34.79 8.14 -11.67
C GLU A 380 36.09 8.39 -10.90
N SER A 381 36.15 7.90 -9.67
CA SER A 381 37.34 8.05 -8.84
C SER A 381 38.07 6.71 -8.75
#